data_8F81
#
_entry.id   8F81
#
_cell.length_a   29.336
_cell.length_b   70.622
_cell.length_c   36.139
_cell.angle_alpha   90.00
_cell.angle_beta   111.46
_cell.angle_gamma   90.00
#
_symmetry.space_group_name_H-M   'P 1 21 1'
#
loop_
_entity.id
_entity.type
_entity.pdbx_description
1 polymer 'Dihydrofolate reductase'
2 non-polymer 'NADP NICOTINAMIDE-ADENINE-DINUCLEOTIDE PHOSPHATE'
3 non-polymer '3-(2-{3-[(2,4-diamino-6-pentylpyrimidin-5-yl)oxy]propoxy}phenyl)propanoic acid'
4 water water
#
_entity_poly.entity_id   1
_entity_poly.type   'polypeptide(L)'
_entity_poly.pdbx_seq_one_letter_code
;MAHHHHHHMTSVGLIWAQSTSGVIGRDGGIPWRLPEDLAHFKRLTMGHTVVMGRRTWDSLPAAHRPLPGRRNVVVTRQTG
LVAHGAQVVGSLEQALSPAEPDAATWVIGGAQIYALALPLANRCEVTEVDVDLPPEDEDALAPVLDQTWAGTSGEWLVSR
SGLRYRMHSYRRL
;
_entity_poly.pdbx_strand_id   A
#
loop_
_chem_comp.id
_chem_comp.type
_chem_comp.name
_chem_comp.formula
NAP non-polymer 'NADP NICOTINAMIDE-ADENINE-DINUCLEOTIDE PHOSPHATE' 'C21 H28 N7 O17 P3'
XJN non-polymer '3-(2-{3-[(2,4-diamino-6-pentylpyrimidin-5-yl)oxy]propoxy}phenyl)propanoic acid' 'C21 H30 N4 O4'
#
# COMPACT_ATOMS: atom_id res chain seq x y z
N SER A 11 12.15 -6.36 -9.07
CA SER A 11 11.98 -5.75 -7.77
C SER A 11 10.51 -5.67 -7.39
N VAL A 12 10.18 -6.19 -6.21
CA VAL A 12 8.82 -6.15 -5.68
C VAL A 12 8.86 -5.33 -4.39
N GLY A 13 8.07 -4.28 -4.35
CA GLY A 13 8.00 -3.42 -3.18
C GLY A 13 6.61 -3.42 -2.59
N LEU A 14 6.53 -3.42 -1.27
N LEU A 14 6.53 -3.42 -1.27
CA LEU A 14 5.29 -3.17 -0.57
CA LEU A 14 5.30 -3.17 -0.56
C LEU A 14 5.28 -1.71 -0.17
C LEU A 14 5.28 -1.70 -0.18
N ILE A 15 4.13 -1.06 -0.30
CA ILE A 15 3.97 0.32 0.14
C ILE A 15 2.65 0.43 0.90
N TRP A 16 2.70 1.00 2.11
CA TRP A 16 1.50 1.16 2.92
C TRP A 16 1.65 2.33 3.88
N ALA A 17 0.50 2.80 4.38
CA ALA A 17 0.44 3.78 5.47
C ALA A 17 -0.26 3.15 6.66
N GLN A 18 0.24 3.40 7.87
CA GLN A 18 -0.32 2.81 9.07
C GLN A 18 -0.33 3.83 10.20
N SER A 19 -1.25 3.64 11.13
CA SER A 19 -1.16 4.36 12.38
C SER A 19 0.00 3.80 13.21
N THR A 20 0.41 4.57 14.23
CA THR A 20 1.46 4.07 15.11
C THR A 20 1.05 2.73 15.74
N SER A 21 -0.24 2.53 16.00
CA SER A 21 -0.72 1.27 16.56
C SER A 21 -0.70 0.13 15.54
N GLY A 22 -0.45 0.40 14.27
CA GLY A 22 -0.40 -0.63 13.27
C GLY A 22 -1.65 -0.88 12.47
N VAL A 23 -2.65 -0.01 12.56
CA VAL A 23 -3.88 -0.15 11.80
C VAL A 23 -3.63 0.37 10.39
N ILE A 24 -4.04 -0.40 9.38
CA ILE A 24 -4.03 0.06 8.00
C ILE A 24 -5.43 0.23 7.41
N GLY A 25 -6.44 -0.42 7.97
CA GLY A 25 -7.76 -0.39 7.36
C GLY A 25 -8.86 -0.64 8.37
N ARG A 26 -10.00 -0.02 8.12
CA ARG A 26 -11.16 -0.14 9.00
C ARG A 26 -12.41 0.21 8.20
N ASP A 27 -13.45 -0.61 8.34
CA ASP A 27 -14.74 -0.35 7.68
C ASP A 27 -14.61 -0.20 6.17
N GLY A 28 -13.70 -0.97 5.57
CA GLY A 28 -13.53 -0.92 4.12
C GLY A 28 -12.81 0.31 3.61
N GLY A 29 -12.17 1.08 4.48
CA GLY A 29 -11.41 2.24 4.06
C GLY A 29 -10.22 2.45 4.96
N ILE A 30 -9.68 3.65 4.96
CA ILE A 30 -8.52 4.04 5.76
C ILE A 30 -9.00 5.04 6.81
N PRO A 31 -8.80 4.77 8.10
CA PRO A 31 -9.43 5.56 9.17
C PRO A 31 -8.76 6.89 9.52
N TRP A 32 -8.01 7.47 8.59
CA TRP A 32 -7.50 8.83 8.75
C TRP A 32 -7.40 9.42 7.35
N ARG A 33 -7.15 10.73 7.28
CA ARG A 33 -6.90 11.42 6.03
CA ARG A 33 -6.91 11.43 6.04
C ARG A 33 -5.58 12.14 6.13
N LEU A 34 -4.67 11.83 5.20
CA LEU A 34 -3.33 12.40 5.21
C LEU A 34 -2.95 12.73 3.78
N PRO A 35 -3.27 13.94 3.31
CA PRO A 35 -2.98 14.30 1.91
C PRO A 35 -1.52 14.12 1.53
N GLU A 36 -0.61 14.43 2.46
CA GLU A 36 0.81 14.29 2.15
C GLU A 36 1.18 12.85 1.86
N ASP A 37 0.50 11.89 2.48
CA ASP A 37 0.75 10.49 2.16
C ASP A 37 0.25 10.14 0.77
N LEU A 38 -0.90 10.67 0.37
CA LEU A 38 -1.37 10.43 -1.00
C LEU A 38 -0.37 10.93 -2.02
N ALA A 39 0.21 12.11 -1.80
CA ALA A 39 1.20 12.65 -2.73
C ALA A 39 2.45 11.78 -2.78
N HIS A 40 2.88 11.29 -1.61
CA HIS A 40 4.01 10.38 -1.53
C HIS A 40 3.72 9.09 -2.30
N PHE A 41 2.53 8.55 -2.11
CA PHE A 41 2.14 7.30 -2.76
C PHE A 41 2.12 7.47 -4.29
N LYS A 42 1.55 8.58 -4.76
CA LYS A 42 1.55 8.85 -6.19
C LYS A 42 2.96 9.00 -6.74
N ARG A 43 3.83 9.71 -6.04
CA ARG A 43 5.18 9.92 -6.54
CA ARG A 43 5.18 9.92 -6.54
C ARG A 43 5.95 8.62 -6.66
N LEU A 44 5.78 7.73 -5.70
CA LEU A 44 6.50 6.45 -5.78
C LEU A 44 5.90 5.50 -6.80
N THR A 45 4.59 5.55 -7.05
CA THR A 45 3.96 4.54 -7.89
C THR A 45 3.69 5.00 -9.32
N MET A 46 3.73 6.29 -9.62
CA MET A 46 3.30 6.78 -10.91
C MET A 46 4.12 6.14 -12.02
N GLY A 47 3.42 5.66 -13.06
CA GLY A 47 4.04 5.03 -14.19
C GLY A 47 4.40 3.57 -14.01
N HIS A 48 4.10 2.99 -12.85
CA HIS A 48 4.46 1.61 -12.55
C HIS A 48 3.21 0.74 -12.41
N THR A 49 3.45 -0.56 -12.34
CA THR A 49 2.39 -1.51 -12.03
C THR A 49 2.09 -1.47 -10.55
N VAL A 50 0.81 -1.41 -10.20
CA VAL A 50 0.36 -1.54 -8.83
C VAL A 50 -0.51 -2.78 -8.71
N VAL A 51 -0.22 -3.61 -7.72
CA VAL A 51 -0.90 -4.87 -7.49
C VAL A 51 -1.65 -4.74 -6.17
N MET A 52 -2.96 -5.06 -6.19
CA MET A 52 -3.77 -4.90 -4.99
C MET A 52 -4.75 -6.06 -4.87
N GLY A 53 -5.19 -6.32 -3.64
CA GLY A 53 -6.27 -7.26 -3.41
C GLY A 53 -7.62 -6.69 -3.82
N ARG A 54 -8.57 -7.59 -4.09
CA ARG A 54 -9.84 -7.16 -4.65
C ARG A 54 -10.62 -6.25 -3.68
N ARG A 55 -10.51 -6.49 -2.38
N ARG A 55 -10.51 -6.49 -2.38
CA ARG A 55 -11.22 -5.62 -1.43
CA ARG A 55 -12.18 -5.48 -0.83
CA ARG A 55 -11.23 -5.60 -1.45
C ARG A 55 -10.71 -4.18 -1.52
C ARG A 55 -10.70 -4.18 -1.54
N THR A 56 -9.39 -4.02 -1.67
CA THR A 56 -8.82 -2.68 -1.87
C THR A 56 -9.32 -2.06 -3.16
N TRP A 57 -9.39 -2.85 -4.24
CA TRP A 57 -9.94 -2.33 -5.50
C TRP A 57 -11.36 -1.79 -5.30
N ASP A 58 -12.22 -2.57 -4.65
CA ASP A 58 -13.58 -2.13 -4.40
C ASP A 58 -13.66 -0.98 -3.41
N SER A 59 -12.62 -0.77 -2.60
CA SER A 59 -12.58 0.33 -1.63
C SER A 59 -12.29 1.67 -2.29
N LEU A 60 -11.73 1.68 -3.48
CA LEU A 60 -11.28 2.93 -4.10
C LEU A 60 -12.50 3.78 -4.42
N PRO A 61 -12.49 5.07 -4.06
CA PRO A 61 -13.52 5.98 -4.56
C PRO A 61 -13.49 6.01 -6.08
N ALA A 62 -14.67 6.24 -6.67
CA ALA A 62 -14.81 6.13 -8.13
C ALA A 62 -13.84 7.04 -8.87
N ALA A 63 -13.52 8.20 -8.30
CA ALA A 63 -12.58 9.12 -8.95
C ALA A 63 -11.17 8.54 -9.03
N HIS A 64 -10.85 7.56 -8.18
CA HIS A 64 -9.50 7.02 -8.07
C HIS A 64 -9.42 5.57 -8.54
N ARG A 65 -10.44 5.08 -9.23
CA ARG A 65 -10.48 3.68 -9.65
C ARG A 65 -10.72 3.64 -11.15
N PRO A 66 -9.75 3.19 -11.95
CA PRO A 66 -8.41 2.70 -11.57
C PRO A 66 -7.51 3.86 -11.15
N LEU A 67 -6.42 3.57 -10.45
CA LEU A 67 -5.47 4.61 -10.10
C LEU A 67 -4.86 5.14 -11.39
N PRO A 68 -5.04 6.42 -11.71
CA PRO A 68 -4.60 6.90 -13.02
CA PRO A 68 -4.60 6.90 -13.03
C PRO A 68 -3.09 6.88 -13.17
N GLY A 69 -2.64 6.61 -14.39
CA GLY A 69 -1.23 6.62 -14.69
C GLY A 69 -0.46 5.41 -14.21
N ARG A 70 -1.17 4.39 -13.75
CA ARG A 70 -0.57 3.16 -13.27
C ARG A 70 -1.32 1.99 -13.85
N ARG A 71 -0.60 0.89 -14.04
CA ARG A 71 -1.21 -0.35 -14.50
CA ARG A 71 -1.22 -0.35 -14.51
C ARG A 71 -1.79 -1.06 -13.29
N ASN A 72 -3.12 -1.13 -13.23
CA ASN A 72 -3.83 -1.65 -12.06
C ASN A 72 -4.07 -3.15 -12.22
N VAL A 73 -3.44 -3.95 -11.36
CA VAL A 73 -3.60 -5.40 -11.35
C VAL A 73 -4.29 -5.79 -10.05
N VAL A 74 -5.38 -6.56 -10.16
CA VAL A 74 -6.20 -6.93 -9.02
C VAL A 74 -6.18 -8.44 -8.83
N VAL A 75 -5.82 -8.86 -7.63
CA VAL A 75 -5.74 -10.28 -7.26
C VAL A 75 -7.08 -10.71 -6.69
N THR A 76 -7.70 -11.69 -7.32
CA THR A 76 -9.04 -12.13 -6.94
C THR A 76 -9.17 -13.61 -7.29
N ARG A 77 -10.07 -14.30 -6.59
CA ARG A 77 -10.46 -15.65 -6.96
C ARG A 77 -11.66 -15.69 -7.88
N GLN A 78 -12.27 -14.55 -8.16
CA GLN A 78 -13.44 -14.50 -9.03
C GLN A 78 -13.02 -14.51 -10.49
N THR A 79 -13.99 -14.81 -11.36
CA THR A 79 -13.72 -14.77 -12.80
C THR A 79 -13.36 -13.37 -13.26
N GLY A 80 -14.09 -12.37 -12.78
CA GLY A 80 -13.82 -10.99 -13.13
C GLY A 80 -14.61 -10.10 -12.21
N LEU A 81 -14.56 -8.79 -12.49
CA LEU A 81 -15.08 -7.79 -11.56
C LEU A 81 -16.13 -6.92 -12.23
N VAL A 82 -17.07 -6.45 -11.42
CA VAL A 82 -18.10 -5.54 -11.93
C VAL A 82 -17.52 -4.15 -12.19
N ALA A 83 -16.64 -3.67 -11.31
CA ALA A 83 -16.05 -2.35 -11.43
C ALA A 83 -14.90 -2.35 -12.42
N HIS A 84 -14.93 -1.44 -13.40
CA HIS A 84 -14.04 -1.46 -14.54
C HIS A 84 -12.68 -0.82 -14.27
N GLY A 85 -11.70 -1.26 -15.05
CA GLY A 85 -10.40 -0.61 -15.10
C GLY A 85 -9.25 -1.47 -14.64
N ALA A 86 -9.50 -2.67 -14.14
CA ALA A 86 -8.44 -3.54 -13.62
C ALA A 86 -8.06 -4.58 -14.65
N GLN A 87 -6.88 -5.16 -14.46
CA GLN A 87 -6.52 -6.44 -15.05
C GLN A 87 -6.57 -7.46 -13.92
N VAL A 88 -7.41 -8.49 -14.07
CA VAL A 88 -7.54 -9.46 -12.99
C VAL A 88 -6.55 -10.58 -13.16
N VAL A 89 -6.04 -11.06 -12.02
CA VAL A 89 -5.19 -12.23 -11.95
C VAL A 89 -5.67 -13.07 -10.78
N GLY A 90 -5.34 -14.36 -10.82
CA GLY A 90 -5.77 -15.30 -9.82
C GLY A 90 -4.75 -15.62 -8.74
N SER A 91 -3.56 -15.03 -8.83
CA SER A 91 -2.51 -15.28 -7.84
C SER A 91 -1.52 -14.14 -7.89
N LEU A 92 -0.75 -14.02 -6.81
CA LEU A 92 0.31 -13.01 -6.81
C LEU A 92 1.38 -13.33 -7.85
N GLU A 93 1.72 -14.60 -8.03
CA GLU A 93 2.72 -14.94 -9.04
C GLU A 93 2.29 -14.46 -10.41
N GLN A 94 1.01 -14.63 -10.74
CA GLN A 94 0.51 -14.15 -12.03
C GLN A 94 0.55 -12.63 -12.10
N ALA A 95 0.39 -11.95 -10.97
CA ALA A 95 0.46 -10.49 -10.95
C ALA A 95 1.87 -9.97 -11.22
N LEU A 96 2.90 -10.74 -10.84
CA LEU A 96 4.27 -10.23 -10.80
C LEU A 96 5.07 -10.52 -12.06
N SER A 97 4.62 -11.44 -12.90
N SER A 97 4.62 -11.44 -12.91
CA SER A 97 5.35 -11.82 -14.11
CA SER A 97 5.36 -11.80 -14.11
C SER A 97 4.41 -11.72 -15.31
C SER A 97 4.42 -11.72 -15.30
N PRO A 98 4.80 -11.03 -16.38
CA PRO A 98 6.07 -10.29 -16.58
C PRO A 98 6.10 -8.97 -15.81
N ALA A 99 7.25 -8.32 -15.70
CA ALA A 99 7.42 -7.14 -14.88
C ALA A 99 8.08 -6.02 -15.65
N GLU A 100 7.97 -4.81 -15.12
CA GLU A 100 8.56 -3.63 -15.74
C GLU A 100 10.07 -3.62 -15.51
N PRO A 101 10.88 -3.41 -16.55
CA PRO A 101 12.33 -3.36 -16.35
C PRO A 101 12.75 -2.12 -15.58
N ASP A 102 13.87 -2.25 -14.86
CA ASP A 102 14.51 -1.15 -14.14
C ASP A 102 13.59 -0.47 -13.13
N ALA A 103 12.51 -1.13 -12.72
CA ALA A 103 11.53 -0.49 -11.87
C ALA A 103 10.92 -1.51 -10.93
N ALA A 104 10.33 -0.99 -9.85
CA ALA A 104 9.64 -1.85 -8.90
C ALA A 104 8.22 -2.09 -9.37
N THR A 105 7.73 -3.30 -9.13
CA THR A 105 6.30 -3.57 -9.12
C THR A 105 5.83 -3.34 -7.68
N TRP A 106 4.80 -2.51 -7.52
CA TRP A 106 4.38 -2.08 -6.19
C TRP A 106 3.15 -2.85 -5.75
N VAL A 107 3.22 -3.45 -4.57
CA VAL A 107 2.08 -4.10 -3.93
C VAL A 107 1.48 -3.09 -2.96
N ILE A 108 0.22 -2.73 -3.17
CA ILE A 108 -0.36 -1.56 -2.53
C ILE A 108 -1.48 -1.90 -1.55
N GLY A 109 -1.61 -3.17 -1.19
CA GLY A 109 -2.54 -3.62 -0.15
C GLY A 109 -3.68 -4.46 -0.72
N GLY A 110 -4.54 -4.94 0.18
CA GLY A 110 -4.53 -4.70 1.62
C GLY A 110 -3.77 -5.76 2.40
N ALA A 111 -4.25 -6.06 3.61
CA ALA A 111 -3.53 -6.94 4.52
C ALA A 111 -3.34 -8.34 3.94
N GLN A 112 -4.36 -8.87 3.27
CA GLN A 112 -4.23 -10.21 2.70
C GLN A 112 -3.18 -10.24 1.60
N ILE A 113 -3.19 -9.23 0.73
CA ILE A 113 -2.22 -9.19 -0.35
C ILE A 113 -0.82 -8.87 0.17
N TYR A 114 -0.70 -8.05 1.23
CA TYR A 114 0.63 -7.84 1.83
C TYR A 114 1.19 -9.15 2.37
N ALA A 115 0.35 -9.97 3.00
CA ALA A 115 0.82 -11.25 3.54
C ALA A 115 1.33 -12.16 2.42
N LEU A 116 0.64 -12.17 1.29
CA LEU A 116 1.07 -12.98 0.15
C LEU A 116 2.39 -12.49 -0.40
N ALA A 117 2.57 -11.17 -0.45
CA ALA A 117 3.72 -10.58 -1.12
C ALA A 117 4.95 -10.46 -0.24
N LEU A 118 4.78 -10.39 1.08
CA LEU A 118 5.91 -10.19 1.98
C LEU A 118 7.06 -11.18 1.78
N PRO A 119 6.82 -12.49 1.58
CA PRO A 119 7.97 -13.39 1.32
C PRO A 119 8.72 -13.06 0.06
N LEU A 120 8.11 -12.38 -0.91
CA LEU A 120 8.71 -12.14 -2.21
C LEU A 120 9.29 -10.74 -2.35
N ALA A 121 9.05 -9.86 -1.39
CA ALA A 121 9.40 -8.46 -1.58
C ALA A 121 10.86 -8.21 -1.26
N ASN A 122 11.42 -7.19 -1.92
CA ASN A 122 12.75 -6.71 -1.56
C ASN A 122 12.75 -5.33 -0.94
N ARG A 123 11.62 -4.63 -0.92
CA ARG A 123 11.54 -3.28 -0.37
C ARG A 123 10.19 -3.10 0.30
N CYS A 124 10.17 -2.32 1.39
CA CYS A 124 8.94 -1.79 1.97
C CYS A 124 9.06 -0.29 2.16
N GLU A 125 8.01 0.43 1.79
CA GLU A 125 7.94 1.88 1.97
C GLU A 125 6.72 2.16 2.84
N VAL A 126 6.97 2.64 4.06
CA VAL A 126 5.94 2.77 5.07
C VAL A 126 5.77 4.24 5.40
N THR A 127 4.52 4.70 5.48
CA THR A 127 4.20 5.95 6.12
C THR A 127 3.59 5.65 7.48
N GLU A 128 4.18 6.21 8.53
CA GLU A 128 3.63 6.10 9.88
C GLU A 128 2.87 7.38 10.21
N VAL A 129 1.62 7.23 10.62
CA VAL A 129 0.75 8.36 10.94
C VAL A 129 0.53 8.36 12.45
N ASP A 130 0.89 9.46 13.11
CA ASP A 130 0.72 9.57 14.55
C ASP A 130 -0.72 9.98 14.87
N VAL A 131 -1.62 9.03 14.63
CA VAL A 131 -3.02 9.15 14.99
CA VAL A 131 -3.03 9.14 14.98
C VAL A 131 -3.31 8.08 16.03
N ASP A 132 -4.09 8.45 17.05
CA ASP A 132 -4.40 7.55 18.15
C ASP A 132 -5.59 6.69 17.75
N LEU A 133 -5.31 5.48 17.29
CA LEU A 133 -6.33 4.54 16.81
C LEU A 133 -6.09 3.18 17.46
N PRO A 134 -6.58 2.99 18.67
CA PRO A 134 -6.54 1.65 19.27
C PRO A 134 -7.22 0.66 18.34
N PRO A 135 -6.58 -0.47 18.04
CA PRO A 135 -7.17 -1.41 17.08
C PRO A 135 -8.55 -1.88 17.53
N GLU A 136 -9.46 -1.93 16.57
CA GLU A 136 -10.81 -2.47 16.77
C GLU A 136 -10.90 -3.84 16.12
N ASP A 137 -11.98 -4.56 16.45
CA ASP A 137 -11.99 -6.01 16.24
C ASP A 137 -11.81 -6.41 14.78
N GLU A 138 -12.32 -5.61 13.84
CA GLU A 138 -12.27 -5.99 12.43
C GLU A 138 -11.19 -5.25 11.66
N ASP A 139 -10.26 -4.61 12.35
CA ASP A 139 -9.27 -3.80 11.65
C ASP A 139 -8.31 -4.66 10.84
N ALA A 140 -7.87 -4.12 9.72
CA ALA A 140 -6.75 -4.67 8.98
C ALA A 140 -5.50 -4.04 9.57
N LEU A 141 -4.50 -4.87 9.85
CA LEU A 141 -3.28 -4.45 10.50
C LEU A 141 -2.10 -4.54 9.55
N ALA A 142 -1.08 -3.73 9.81
CA ALA A 142 0.13 -3.74 9.01
C ALA A 142 0.90 -5.04 9.20
N PRO A 143 1.57 -5.52 8.15
CA PRO A 143 2.44 -6.69 8.32
C PRO A 143 3.61 -6.36 9.22
N VAL A 144 4.08 -7.37 9.94
CA VAL A 144 5.21 -7.24 10.84
C VAL A 144 6.47 -7.71 10.11
N LEU A 145 7.52 -6.89 10.16
CA LEU A 145 8.76 -7.21 9.47
C LEU A 145 9.72 -7.96 10.38
N ASP A 146 10.34 -9.02 9.84
CA ASP A 146 11.23 -9.87 10.61
C ASP A 146 12.69 -9.43 10.47
N GLN A 147 13.60 -10.29 10.93
CA GLN A 147 15.04 -10.03 10.95
C GLN A 147 15.67 -9.96 9.56
N THR A 148 14.94 -10.23 8.49
CA THR A 148 15.52 -10.13 7.15
C THR A 148 15.45 -8.73 6.57
N TRP A 149 14.94 -7.76 7.33
CA TRP A 149 14.75 -6.39 6.86
C TRP A 149 15.64 -5.41 7.61
N ALA A 150 16.24 -4.48 6.87
CA ALA A 150 16.98 -3.36 7.43
C ALA A 150 16.27 -2.08 7.00
N GLY A 151 16.15 -1.14 7.94
CA GLY A 151 15.34 0.04 7.70
C GLY A 151 16.07 1.32 8.06
N THR A 152 15.56 2.40 7.47
CA THR A 152 15.94 3.76 7.81
C THR A 152 14.64 4.56 7.94
N SER A 153 14.71 5.64 8.70
CA SER A 153 13.51 6.41 9.02
C SER A 153 13.78 7.89 8.78
N GLY A 154 12.79 8.57 8.22
CA GLY A 154 12.86 10.02 8.09
C GLY A 154 12.41 10.69 9.37
N GLU A 155 12.60 12.00 9.40
CA GLU A 155 12.18 12.82 10.53
C GLU A 155 10.65 12.92 10.59
N TRP A 156 10.15 13.27 11.78
CA TRP A 156 8.72 13.56 11.92
C TRP A 156 8.39 14.84 11.17
N LEU A 157 7.31 14.80 10.40
CA LEU A 157 6.80 15.91 9.61
C LEU A 157 5.42 16.24 10.13
N VAL A 158 4.98 17.47 9.90
N VAL A 158 4.96 17.46 9.86
CA VAL A 158 3.64 17.91 10.31
CA VAL A 158 3.65 17.93 10.29
C VAL A 158 2.81 18.15 9.04
C VAL A 158 2.80 18.18 9.05
N SER A 159 1.65 17.51 8.99
CA SER A 159 0.78 17.74 7.86
CA SER A 159 0.69 17.69 7.90
C SER A 159 0.02 19.06 8.01
N ARG A 160 -0.47 19.55 6.88
CA ARG A 160 -1.31 20.75 6.91
C ARG A 160 -2.55 20.54 7.77
N SER A 161 -2.98 19.29 7.95
CA SER A 161 -4.10 18.94 8.82
C SER A 161 -3.69 18.82 10.28
N GLY A 162 -2.41 18.95 10.60
CA GLY A 162 -1.93 18.90 11.96
C GLY A 162 -1.43 17.55 12.43
N LEU A 163 -1.73 16.47 11.71
CA LEU A 163 -1.20 15.17 12.10
C LEU A 163 0.29 15.08 11.83
N ARG A 164 1.02 14.48 12.77
N ARG A 164 1.01 14.43 12.73
N ARG A 164 1.01 14.43 12.74
CA ARG A 164 2.41 14.14 12.53
CA ARG A 164 2.43 14.17 12.55
CA ARG A 164 2.42 14.16 12.55
C ARG A 164 2.48 12.87 11.71
C ARG A 164 2.61 12.81 11.86
C ARG A 164 2.60 12.81 11.86
N TYR A 165 3.53 12.76 10.91
CA TYR A 165 3.73 11.57 10.11
C TYR A 165 5.20 11.47 9.72
N ARG A 166 5.61 10.29 9.28
CA ARG A 166 6.99 10.11 8.86
C ARG A 166 7.06 8.89 7.95
N MET A 167 8.16 8.78 7.22
CA MET A 167 8.36 7.65 6.32
C MET A 167 9.47 6.75 6.83
N HIS A 168 9.28 5.45 6.66
CA HIS A 168 10.30 4.47 6.92
C HIS A 168 10.51 3.69 5.63
N SER A 169 11.74 3.32 5.35
CA SER A 169 12.08 2.58 4.14
C SER A 169 12.90 1.37 4.54
N TYR A 170 12.47 0.20 4.10
CA TYR A 170 13.15 -1.05 4.44
C TYR A 170 13.63 -1.72 3.17
N ARG A 171 14.80 -2.35 3.27
N ARG A 171 14.79 -2.35 3.26
N ARG A 171 14.81 -2.34 3.27
CA ARG A 171 15.33 -3.16 2.18
CA ARG A 171 15.33 -3.16 2.18
CA ARG A 171 15.36 -3.16 2.21
C ARG A 171 15.75 -4.51 2.74
C ARG A 171 15.75 -4.50 2.73
C ARG A 171 15.66 -4.53 2.78
N ARG A 172 15.51 -5.56 1.95
CA ARG A 172 15.88 -6.89 2.38
C ARG A 172 17.39 -6.95 2.55
N LEU A 173 17.82 -7.55 3.66
CA LEU A 173 19.25 -7.72 3.89
C LEU A 173 19.84 -8.58 2.79
PA NAP B . -7.29 -7.12 0.33
O1A NAP B . -6.00 -7.79 0.62
O2A NAP B . -7.26 -5.77 -0.32
O5B NAP B . -8.18 -8.05 -0.61
C5B NAP B . -8.60 -9.37 -0.20
C4B NAP B . -9.10 -10.10 -1.41
O4B NAP B . -7.98 -10.44 -2.28
C3B NAP B . -9.83 -11.42 -1.19
O3B NAP B . -11.16 -11.19 -0.75
C2B NAP B . -9.69 -12.06 -2.57
O2B NAP B . -10.52 -11.43 -3.55
C1B NAP B . -8.26 -11.67 -2.92
N9A NAP B . -7.28 -12.66 -2.51
C8A NAP B . -6.69 -12.80 -1.28
N7A NAP B . -5.83 -13.80 -1.23
C5A NAP B . -5.86 -14.35 -2.50
C6A NAP B . -5.18 -15.42 -3.09
N6A NAP B . -4.30 -16.18 -2.44
N1A NAP B . -5.44 -15.70 -4.38
C2A NAP B . -6.32 -14.94 -5.04
N3A NAP B . -7.03 -13.91 -4.59
C4A NAP B . -6.74 -13.65 -3.30
O3 NAP B . -8.23 -7.08 1.62
PN NAP B . -8.03 -6.70 3.16
O1N NAP B . -6.91 -7.50 3.74
O2N NAP B . -9.39 -6.78 3.80
O5D NAP B . -7.55 -5.18 3.06
C5D NAP B . -8.51 -4.16 2.72
C4D NAP B . -8.41 -3.05 3.74
O4D NAP B . -7.09 -2.47 3.69
C3D NAP B . -9.37 -1.86 3.51
O3D NAP B . -9.71 -1.30 4.78
C2D NAP B . -8.50 -0.88 2.73
O2D NAP B . -8.96 0.45 2.84
C1D NAP B . -7.20 -1.07 3.51
N1N NAP B . -5.98 -0.62 2.82
C2N NAP B . -5.09 0.20 3.49
C3N NAP B . -3.91 0.60 2.87
C7N NAP B . -2.97 1.48 3.60
O7N NAP B . -1.87 1.74 3.12
N7N NAP B . -3.36 1.99 4.77
C4N NAP B . -3.64 0.16 1.58
C5N NAP B . -4.53 -0.68 0.93
C6N NAP B . -5.70 -1.08 1.55
P2B NAP B . -11.92 -12.14 -3.89
O1X NAP B . -12.43 -11.25 -5.01
O2X NAP B . -11.62 -13.55 -4.35
O3X NAP B . -12.76 -12.07 -2.63
C1 XJN C . 0.36 4.46 1.08
C3 XJN C . -1.92 3.39 0.18
N4 XJN C . -0.77 5.18 1.20
O2 XJN C . -5.57 4.41 -2.54
O3 XJN C . -4.13 8.31 -7.31
C4 XJN C . -3.21 2.71 -1.75
N3 XJN C . -0.61 1.42 -0.44
C2 XJN C . -0.66 2.68 0.09
N2 XJN C . 0.46 3.23 0.56
N1 XJN C . 1.50 5.01 1.54
C8 XJN C . -7.61 5.32 -1.63
C5 XJN C . -4.62 2.28 -2.09
C6 XJN C . -5.70 3.25 -1.70
C10 XJN C . -8.35 7.46 -2.40
C11 XJN C . -7.24 7.54 -3.23
C12 XJN C . -6.30 6.51 -3.30
C13 XJN C . -5.08 6.60 -4.21
C14 XJN C . -5.26 7.57 -5.36
C15 XJN C . -4.03 7.65 -6.26
C16 XJN C . -1.92 4.64 0.74
C17 XJN C . -3.15 5.49 0.86
C18 XJN C . -3.12 6.64 -0.14
C19 XJN C . -4.42 7.40 -0.38
C20 XJN C . -5.06 7.97 0.86
C21 XJN C . -6.31 8.77 0.53
C7 XJN C . -6.51 5.39 -2.47
C9 XJN C . -8.53 6.36 -1.60
O1 XJN C . -3.09 2.84 -0.32
O4 XJN C . -2.98 7.06 -5.92
#